data_8QC0
#
_entry.id   8QC0
#
_cell.length_a   135.240
_cell.length_b   135.240
_cell.length_c   87.220
_cell.angle_alpha   90.00
_cell.angle_beta   90.00
_cell.angle_gamma   120.00
#
_symmetry.space_group_name_H-M   'P 63'
#
loop_
_entity.id
_entity.type
_entity.pdbx_description
1 polymer 'Nucleoside 2-deoxyribosyltransferase'
2 non-polymer alpha-D-ribofuranose
3 non-polymer 'ZINC ION'
4 water water
#
_entity_poly.entity_id   1
_entity_poly.type   'polypeptide(L)'
_entity_poly.pdbx_seq_one_letter_code
;MKRKIIYLASPYGFSQQQKTLLLPPIVRALEALGIEVWEPFARNNQIDFSQADWAYRVAQADLQDVKNCDGIFAVVNGTP
PDEGVMVELGMAIALNKAIFLFRDDFRRCSDNERYPLNLMLFAGLPEIGWENYYYTSVDEIQSHDKALYKWLTG
;
_entity_poly.pdbx_strand_id   A,B,C,D
#
# COMPACT_ATOMS: atom_id res chain seq x y z
N LYS A 2 39.49 -6.26 -5.44
CA LYS A 2 38.43 -5.38 -4.92
C LYS A 2 37.01 -5.78 -5.34
N ARG A 3 36.22 -6.22 -4.36
CA ARG A 3 34.82 -6.58 -4.59
C ARG A 3 33.97 -5.36 -4.91
N LYS A 4 33.06 -5.51 -5.87
CA LYS A 4 32.03 -4.50 -6.09
C LYS A 4 31.09 -4.47 -4.89
N ILE A 5 30.64 -3.28 -4.52
CA ILE A 5 29.77 -3.06 -3.37
C ILE A 5 28.33 -2.89 -3.84
N ILE A 6 27.42 -3.72 -3.32
CA ILE A 6 25.99 -3.63 -3.60
C ILE A 6 25.26 -3.25 -2.31
N TYR A 7 24.47 -2.19 -2.37
CA TYR A 7 23.55 -1.85 -1.31
C TYR A 7 22.24 -2.62 -1.51
N LEU A 8 21.86 -3.45 -0.53
CA LEU A 8 20.71 -4.36 -0.67
C LEU A 8 19.53 -3.71 0.03
N ALA A 9 18.74 -2.93 -0.72
CA ALA A 9 17.59 -2.25 -0.17
C ALA A 9 16.38 -3.18 -0.20
N SER A 10 15.63 -3.22 0.91
CA SER A 10 14.51 -4.15 1.04
C SER A 10 13.67 -3.72 2.23
N PRO A 11 12.39 -4.12 2.28
CA PRO A 11 11.59 -3.98 3.49
C PRO A 11 11.65 -5.19 4.42
N TYR A 12 12.49 -6.17 4.07
CA TYR A 12 12.50 -7.45 4.79
C TYR A 12 13.01 -7.32 6.23
N GLY A 13 13.66 -6.20 6.58
CA GLY A 13 14.03 -6.02 7.98
C GLY A 13 12.89 -5.64 8.90
N PHE A 14 11.70 -5.34 8.36
CA PHE A 14 10.61 -4.89 9.23
C PHE A 14 9.86 -6.04 9.88
N SER A 15 9.89 -7.22 9.27
CA SER A 15 9.23 -8.39 9.83
C SER A 15 10.30 -9.32 10.42
N GLN A 16 10.10 -9.75 11.67
CA GLN A 16 11.08 -10.62 12.33
C GLN A 16 11.35 -11.88 11.51
N GLN A 17 10.28 -12.53 11.05
CA GLN A 17 10.46 -13.76 10.30
C GLN A 17 11.11 -13.50 8.95
N GLN A 18 10.77 -12.38 8.30
CA GLN A 18 11.34 -12.07 6.99
C GLN A 18 12.82 -11.76 7.10
N LYS A 19 13.20 -10.99 8.12
CA LYS A 19 14.61 -10.63 8.33
C LYS A 19 15.46 -11.88 8.49
N THR A 20 14.93 -12.88 9.20
CA THR A 20 15.62 -14.11 9.56
C THR A 20 15.70 -15.08 8.40
N LEU A 21 14.65 -15.17 7.59
CA LEU A 21 14.53 -16.22 6.60
C LEU A 21 14.69 -15.75 5.16
N LEU A 22 14.28 -14.53 4.82
CA LEU A 22 14.35 -14.08 3.43
C LEU A 22 15.69 -13.45 3.08
N LEU A 23 16.24 -12.62 3.96
CA LEU A 23 17.45 -11.88 3.62
C LEU A 23 18.69 -12.77 3.51
N PRO A 24 18.91 -13.75 4.40
CA PRO A 24 20.16 -14.55 4.30
C PRO A 24 20.33 -15.22 2.95
N PRO A 25 19.30 -15.86 2.36
CA PRO A 25 19.49 -16.44 1.02
C PRO A 25 19.79 -15.41 -0.06
N ILE A 26 19.22 -14.21 0.02
CA ILE A 26 19.54 -13.20 -0.99
C ILE A 26 20.99 -12.75 -0.85
N VAL A 27 21.41 -12.48 0.39
CA VAL A 27 22.80 -12.11 0.63
C VAL A 27 23.75 -13.19 0.10
N ARG A 28 23.44 -14.45 0.39
CA ARG A 28 24.30 -15.56 -0.06
C ARG A 28 24.41 -15.59 -1.56
N ALA A 29 23.27 -15.45 -2.26
CA ALA A 29 23.31 -15.48 -3.72
C ALA A 29 24.17 -14.36 -4.25
N LEU A 30 24.04 -13.16 -3.67
CA LEU A 30 24.86 -12.03 -4.11
C LEU A 30 26.33 -12.27 -3.80
N GLU A 31 26.64 -12.76 -2.60
CA GLU A 31 28.03 -13.01 -2.25
C GLU A 31 28.64 -14.10 -3.13
N ALA A 32 27.83 -15.06 -3.58
CA ALA A 32 28.36 -16.08 -4.48
C ALA A 32 28.80 -15.51 -5.82
N LEU A 33 28.44 -14.27 -6.10
CA LEU A 33 28.95 -13.57 -7.27
C LEU A 33 30.21 -12.76 -6.96
N GLY A 34 30.70 -12.82 -5.73
CA GLY A 34 31.89 -12.10 -5.34
C GLY A 34 31.62 -10.68 -4.90
N ILE A 35 30.37 -10.34 -4.64
CA ILE A 35 29.97 -8.98 -4.32
C ILE A 35 30.20 -8.73 -2.84
N GLU A 36 30.56 -7.49 -2.49
CA GLU A 36 30.53 -7.06 -1.10
C GLU A 36 29.16 -6.45 -0.82
N VAL A 37 28.40 -7.08 0.09
CA VAL A 37 27.00 -6.72 0.34
C VAL A 37 26.91 -5.80 1.56
N TRP A 38 26.25 -4.65 1.39
CA TRP A 38 25.90 -3.76 2.48
C TRP A 38 24.39 -3.84 2.66
N GLU A 39 23.98 -4.60 3.67
CA GLU A 39 22.57 -4.78 3.97
C GLU A 39 22.20 -3.84 5.12
N PRO A 40 21.35 -2.83 4.91
CA PRO A 40 21.18 -1.78 5.93
C PRO A 40 20.64 -2.27 7.26
N PHE A 41 19.78 -3.29 7.30
CA PHE A 41 19.27 -3.73 8.60
C PHE A 41 20.39 -4.36 9.43
N ALA A 42 21.19 -5.23 8.81
CA ALA A 42 22.33 -5.81 9.51
C ALA A 42 23.32 -4.73 9.94
N ARG A 43 23.60 -3.77 9.04
CA ARG A 43 24.54 -2.71 9.39
C ARG A 43 23.97 -1.73 10.42
N ASN A 44 22.64 -1.72 10.59
CA ASN A 44 21.92 -0.84 11.53
C ASN A 44 21.95 0.63 11.12
N PHE A 49 20.42 4.18 20.15
CA PHE A 49 19.29 3.28 19.97
C PHE A 49 18.15 3.69 20.90
N SER A 50 18.53 4.30 22.02
CA SER A 50 17.60 4.94 22.93
C SER A 50 17.61 6.46 22.81
N GLN A 51 18.50 7.00 21.98
CA GLN A 51 18.72 8.44 21.84
C GLN A 51 17.50 9.14 21.26
N ALA A 52 17.56 10.46 21.19
CA ALA A 52 16.54 11.21 20.48
C ALA A 52 16.79 11.16 18.97
N ASP A 53 18.04 11.40 18.56
CA ASP A 53 18.39 11.56 17.15
C ASP A 53 18.72 10.25 16.45
N TRP A 54 18.25 9.09 16.97
CA TRP A 54 18.65 7.82 16.37
C TRP A 54 18.10 7.68 14.94
N ALA A 55 16.85 8.12 14.71
CA ALA A 55 16.28 8.01 13.38
C ALA A 55 17.06 8.86 12.38
N TYR A 56 17.41 10.08 12.78
CA TYR A 56 18.19 10.95 11.89
C TYR A 56 19.53 10.30 11.57
N ARG A 57 20.21 9.77 12.59
CA ARG A 57 21.53 9.18 12.38
C ARG A 57 21.43 7.96 11.47
N VAL A 58 20.37 7.17 11.60
CA VAL A 58 20.18 6.03 10.70
C VAL A 58 19.95 6.53 9.28
N ALA A 59 19.13 7.58 9.12
CA ALA A 59 18.90 8.10 7.77
C ALA A 59 20.20 8.57 7.14
N GLN A 60 21.05 9.24 7.92
CA GLN A 60 22.33 9.71 7.39
C GLN A 60 23.27 8.55 7.13
N ALA A 61 23.25 7.53 8.00
CA ALA A 61 24.14 6.38 7.78
C ALA A 61 23.81 5.66 6.48
N ASP A 62 22.52 5.39 6.24
CA ASP A 62 22.15 4.67 5.03
C ASP A 62 22.35 5.53 3.79
N LEU A 63 22.09 6.84 3.91
CA LEU A 63 22.41 7.76 2.81
C LEU A 63 23.89 7.69 2.45
N GLN A 64 24.77 7.69 3.45
CA GLN A 64 26.18 7.53 3.15
C GLN A 64 26.45 6.23 2.42
N ASP A 65 25.82 5.15 2.86
CA ASP A 65 26.04 3.86 2.21
C ASP A 65 25.60 3.89 0.76
N VAL A 66 24.43 4.45 0.47
CA VAL A 66 24.00 4.58 -0.93
C VAL A 66 25.00 5.41 -1.73
N LYS A 67 25.47 6.52 -1.15
CA LYS A 67 26.45 7.37 -1.85
C LYS A 67 27.73 6.60 -2.19
N ASN A 68 28.06 5.58 -1.39
CA ASN A 68 29.34 4.92 -1.56
C ASN A 68 29.23 3.54 -2.20
N CYS A 69 28.04 3.02 -2.41
CA CYS A 69 27.91 1.74 -3.08
C CYS A 69 28.29 1.89 -4.55
N ASP A 70 28.57 0.75 -5.19
CA ASP A 70 28.74 0.75 -6.64
C ASP A 70 27.43 0.47 -7.36
N GLY A 71 26.53 -0.28 -6.72
CA GLY A 71 25.22 -0.54 -7.29
C GLY A 71 24.26 -0.74 -6.15
N ILE A 72 22.97 -0.58 -6.45
CA ILE A 72 21.88 -0.94 -5.56
C ILE A 72 21.23 -2.18 -6.14
N PHE A 73 20.87 -3.12 -5.26
CA PHE A 73 20.02 -4.26 -5.57
C PHE A 73 18.74 -4.05 -4.75
N ALA A 74 17.66 -3.62 -5.41
CA ALA A 74 16.46 -3.18 -4.72
C ALA A 74 15.40 -4.27 -4.76
N VAL A 75 15.04 -4.81 -3.59
CA VAL A 75 13.89 -5.71 -3.45
C VAL A 75 12.63 -4.86 -3.59
N VAL A 76 11.95 -4.96 -4.74
CA VAL A 76 10.77 -4.14 -4.98
C VAL A 76 9.48 -4.98 -4.94
N ASN A 77 9.47 -6.02 -4.10
CA ASN A 77 8.23 -6.73 -3.80
C ASN A 77 7.23 -5.82 -3.08
N GLY A 78 5.96 -6.23 -3.10
CA GLY A 78 4.92 -5.52 -2.38
C GLY A 78 4.05 -4.69 -3.32
N THR A 79 2.91 -4.27 -2.78
CA THR A 79 1.96 -3.40 -3.47
C THR A 79 1.63 -2.25 -2.53
N PRO A 80 2.28 -1.09 -2.69
CA PRO A 80 3.30 -0.80 -3.68
C PRO A 80 4.70 -1.16 -3.12
N PRO A 81 5.77 -1.04 -3.91
CA PRO A 81 7.12 -1.19 -3.34
C PRO A 81 7.32 -0.25 -2.15
N ASP A 82 8.20 -0.64 -1.24
CA ASP A 82 8.37 0.06 0.02
C ASP A 82 8.91 1.47 -0.22
N GLU A 83 8.39 2.46 0.53
CA GLU A 83 8.75 3.84 0.25
C GLU A 83 10.22 4.14 0.60
N GLY A 84 10.79 3.45 1.58
CA GLY A 84 12.20 3.68 1.88
C GLY A 84 13.11 3.14 0.80
N VAL A 85 12.78 1.95 0.27
CA VAL A 85 13.51 1.42 -0.86
C VAL A 85 13.43 2.37 -2.04
N MET A 86 12.24 2.94 -2.27
CA MET A 86 12.05 3.82 -3.41
C MET A 86 12.90 5.07 -3.28
N VAL A 87 12.96 5.65 -2.08
CA VAL A 87 13.82 6.82 -1.87
C VAL A 87 15.27 6.44 -2.17
N GLU A 88 15.72 5.30 -1.62
CA GLU A 88 17.08 4.84 -1.85
C GLU A 88 17.32 4.55 -3.33
N LEU A 89 16.34 3.96 -4.00
CA LEU A 89 16.47 3.72 -5.44
C LEU A 89 16.57 5.04 -6.18
N GLY A 90 15.78 6.03 -5.76
CA GLY A 90 15.87 7.34 -6.39
C GLY A 90 17.23 8.00 -6.21
N MET A 91 17.77 7.93 -5.00
CA MET A 91 19.15 8.39 -4.77
C MET A 91 20.13 7.71 -5.71
N ALA A 92 20.02 6.39 -5.82
CA ALA A 92 21.01 5.63 -6.59
C ALA A 92 20.95 6.00 -8.06
N ILE A 93 19.74 6.26 -8.59
CA ILE A 93 19.59 6.66 -9.98
C ILE A 93 20.26 8.01 -10.24
N ALA A 94 20.00 8.99 -9.37
CA ALA A 94 20.54 10.33 -9.59
C ALA A 94 22.06 10.33 -9.45
N LEU A 95 22.61 9.46 -8.61
CA LEU A 95 24.04 9.35 -8.39
C LEU A 95 24.72 8.40 -9.36
N ASN A 96 24.02 7.99 -10.42
CA ASN A 96 24.58 7.19 -11.52
C ASN A 96 25.14 5.86 -11.03
N LYS A 97 24.61 5.35 -9.91
CA LYS A 97 24.96 4.00 -9.48
C LYS A 97 24.37 2.95 -10.43
N ALA A 98 24.94 1.75 -10.39
CA ALA A 98 24.33 0.65 -11.12
C ALA A 98 23.01 0.27 -10.45
N ILE A 99 22.03 -0.13 -11.26
CA ILE A 99 20.66 -0.38 -10.78
C ILE A 99 20.27 -1.80 -11.13
N PHE A 100 19.88 -2.57 -10.11
CA PHE A 100 19.29 -3.88 -10.31
C PHE A 100 18.05 -3.99 -9.43
N LEU A 101 16.99 -4.58 -9.98
CA LEU A 101 15.71 -4.69 -9.30
C LEU A 101 15.37 -6.15 -9.09
N PHE A 102 14.76 -6.45 -7.95
CA PHE A 102 14.33 -7.80 -7.64
C PHE A 102 12.85 -7.79 -7.27
N ARG A 103 12.08 -8.68 -7.90
CA ARG A 103 10.67 -8.81 -7.58
C ARG A 103 10.24 -10.22 -7.93
N ASP A 104 9.91 -11.00 -6.93
CA ASP A 104 9.39 -12.34 -7.12
C ASP A 104 7.91 -12.39 -6.76
N ASP A 105 7.30 -11.23 -6.66
CA ASP A 105 5.90 -11.01 -6.34
C ASP A 105 5.20 -11.00 -7.66
N PHE A 106 4.24 -11.90 -7.87
CA PHE A 106 3.54 -11.96 -9.14
C PHE A 106 2.46 -10.92 -9.36
N ARG A 107 2.12 -10.17 -8.34
CA ARG A 107 1.13 -9.12 -8.50
C ARG A 107 1.70 -7.96 -9.33
N ARG A 108 0.83 -7.27 -10.06
CA ARG A 108 1.23 -6.07 -10.79
C ARG A 108 0.69 -4.86 -10.08
N CYS A 109 1.54 -3.84 -9.92
CA CYS A 109 1.18 -2.55 -9.33
C CYS A 109 1.78 -1.50 -10.26
N SER A 110 1.05 -1.10 -11.30
CA SER A 110 1.67 -0.33 -12.38
C SER A 110 0.75 0.79 -12.84
N ASP A 111 1.37 1.80 -13.47
CA ASP A 111 0.67 2.91 -14.12
C ASP A 111 0.83 2.88 -15.63
N ASN A 112 1.23 1.73 -16.20
CA ASN A 112 1.53 1.65 -17.63
C ASN A 112 1.59 0.18 -18.01
N GLU A 113 1.64 -0.07 -19.33
CA GLU A 113 1.65 -1.44 -19.83
C GLU A 113 3.02 -1.92 -20.27
N ARG A 114 4.05 -1.06 -20.26
CA ARG A 114 5.39 -1.52 -20.60
C ARG A 114 6.01 -2.31 -19.44
N TYR A 115 5.94 -1.75 -18.23
CA TYR A 115 6.58 -2.24 -17.02
C TYR A 115 5.55 -2.79 -16.04
N PRO A 116 5.93 -3.80 -15.25
CA PRO A 116 5.03 -4.31 -14.21
C PRO A 116 4.93 -3.42 -12.98
N LEU A 117 5.69 -2.33 -12.93
CA LEU A 117 5.69 -1.41 -11.80
C LEU A 117 5.61 0.01 -12.33
N ASN A 118 5.36 0.95 -11.41
CA ASN A 118 5.41 2.37 -11.73
C ASN A 118 6.66 2.67 -12.56
N LEU A 119 6.46 3.41 -13.66
CA LEU A 119 7.52 3.54 -14.66
C LEU A 119 8.77 4.23 -14.12
N MET A 120 8.63 5.03 -13.06
CA MET A 120 9.81 5.73 -12.56
C MET A 120 10.83 4.78 -11.93
N LEU A 121 10.42 3.59 -11.51
CA LEU A 121 11.37 2.62 -10.97
C LEU A 121 12.38 2.19 -12.01
N PHE A 122 12.05 2.32 -13.30
CA PHE A 122 12.89 1.87 -14.39
C PHE A 122 13.58 3.02 -15.11
N ALA A 123 13.50 4.23 -14.56
CA ALA A 123 14.00 5.41 -15.25
C ALA A 123 15.51 5.41 -15.38
N GLY A 124 16.21 4.77 -14.44
CA GLY A 124 17.65 4.65 -14.49
C GLY A 124 18.18 3.47 -15.26
N LEU A 125 17.32 2.74 -15.96
CA LEU A 125 17.65 1.57 -16.74
C LEU A 125 17.40 1.85 -18.22
N PRO A 126 18.04 1.09 -19.11
CA PRO A 126 17.88 1.39 -20.54
C PRO A 126 16.46 1.18 -21.03
N GLU A 127 16.14 1.91 -22.11
CA GLU A 127 14.86 1.78 -22.77
C GLU A 127 14.59 0.34 -23.19
N ILE A 128 15.56 -0.28 -23.86
CA ILE A 128 15.48 -1.65 -24.35
C ILE A 128 16.42 -2.51 -23.52
N GLY A 129 15.96 -3.72 -23.16
CA GLY A 129 16.78 -4.63 -22.39
C GLY A 129 16.76 -4.41 -20.90
N TRP A 130 15.80 -3.65 -20.38
CA TRP A 130 15.71 -3.44 -18.94
C TRP A 130 15.37 -4.74 -18.22
N GLU A 131 14.73 -5.69 -18.91
CA GLU A 131 14.43 -6.97 -18.27
C GLU A 131 15.69 -7.68 -17.79
N ASN A 132 16.81 -7.43 -18.47
CA ASN A 132 18.06 -8.08 -18.09
C ASN A 132 18.56 -7.62 -16.71
N TYR A 133 18.07 -6.51 -16.22
CA TYR A 133 18.39 -6.01 -14.88
C TYR A 133 17.32 -6.36 -13.85
N TYR A 134 16.30 -7.13 -14.24
CA TYR A 134 15.08 -7.31 -13.46
C TYR A 134 14.99 -8.78 -13.06
N TYR A 135 15.20 -9.07 -11.78
CA TYR A 135 15.27 -10.44 -11.30
C TYR A 135 13.94 -10.84 -10.69
N THR A 136 13.43 -11.99 -11.12
CA THR A 136 12.13 -12.49 -10.62
C THR A 136 12.27 -13.71 -9.71
N SER A 137 13.48 -14.19 -9.42
CA SER A 137 13.62 -15.23 -8.40
C SER A 137 15.04 -15.21 -7.82
N VAL A 138 15.16 -15.68 -6.57
CA VAL A 138 16.50 -15.81 -5.99
C VAL A 138 17.38 -16.68 -6.88
N ASP A 139 16.82 -17.78 -7.42
CA ASP A 139 17.57 -18.67 -8.30
C ASP A 139 18.14 -17.96 -9.52
N GLU A 140 17.53 -16.85 -9.92
CA GLU A 140 17.96 -16.16 -11.12
C GLU A 140 19.19 -15.29 -10.89
N ILE A 141 19.51 -14.94 -9.64
CA ILE A 141 20.60 -14.00 -9.37
C ILE A 141 21.93 -14.50 -9.92
N GLN A 142 22.14 -15.82 -9.93
CA GLN A 142 23.39 -16.41 -10.40
C GLN A 142 23.56 -16.37 -11.92
N SER A 143 22.51 -16.01 -12.68
CA SER A 143 22.52 -16.21 -14.13
C SER A 143 23.65 -15.42 -14.80
N HIS A 144 24.54 -16.12 -15.50
CA HIS A 144 25.57 -15.41 -16.25
C HIS A 144 24.99 -14.57 -17.38
N ASP A 145 23.70 -14.72 -17.69
CA ASP A 145 23.08 -13.99 -18.80
C ASP A 145 22.36 -12.71 -18.37
N LYS A 146 22.27 -12.43 -17.08
CA LYS A 146 21.61 -11.23 -16.58
C LYS A 146 22.65 -10.17 -16.24
N ALA A 147 22.16 -8.94 -16.01
CA ALA A 147 23.04 -7.78 -15.99
C ALA A 147 24.02 -7.78 -14.82
N LEU A 148 23.68 -8.42 -13.70
CA LEU A 148 24.55 -8.34 -12.53
C LEU A 148 25.89 -9.02 -12.80
N TYR A 149 25.84 -10.24 -13.33
CA TYR A 149 27.07 -10.93 -13.73
C TYR A 149 27.82 -10.13 -14.78
N LYS A 150 27.14 -9.71 -15.84
CA LYS A 150 27.80 -8.94 -16.90
C LYS A 150 28.48 -7.69 -16.34
N TRP A 151 27.83 -7.01 -15.40
CA TRP A 151 28.40 -5.82 -14.80
C TRP A 151 29.60 -6.14 -13.92
N LEU A 152 29.60 -7.32 -13.27
CA LEU A 152 30.75 -7.68 -12.44
C LEU A 152 31.97 -8.01 -13.29
N THR A 153 31.75 -8.63 -14.45
CA THR A 153 32.81 -8.98 -15.37
C THR A 153 32.99 -7.88 -16.41
N GLY A 154 32.19 -7.88 -17.46
CA GLY A 154 32.30 -6.90 -18.54
C GLY A 154 32.39 -5.44 -18.12
N MET B 1 -13.50 -37.44 15.81
CA MET B 1 -13.32 -36.19 16.53
C MET B 1 -12.61 -35.19 15.61
N LYS B 2 -13.43 -34.47 14.87
CA LYS B 2 -13.03 -33.50 13.89
C LYS B 2 -12.17 -32.36 14.38
N ARG B 3 -11.04 -32.14 13.73
CA ARG B 3 -10.14 -31.06 14.09
C ARG B 3 -10.75 -29.70 13.83
N LYS B 4 -10.36 -28.73 14.64
CA LYS B 4 -10.70 -27.36 14.33
C LYS B 4 -9.96 -26.89 13.08
N ILE B 5 -10.65 -26.10 12.28
CA ILE B 5 -10.17 -25.65 10.99
C ILE B 5 -9.82 -24.18 11.09
N ILE B 6 -8.57 -23.84 10.76
CA ILE B 6 -8.11 -22.45 10.67
C ILE B 6 -7.81 -22.14 9.21
N TYR B 7 -8.40 -21.05 8.70
CA TYR B 7 -8.06 -20.51 7.39
C TYR B 7 -6.90 -19.54 7.56
N LEU B 8 -5.76 -19.85 6.96
CA LEU B 8 -4.57 -19.02 7.07
C LEU B 8 -4.55 -18.02 5.91
N ALA B 9 -5.10 -16.82 6.13
CA ALA B 9 -5.09 -15.77 5.13
C ALA B 9 -3.78 -15.00 5.20
N SER B 10 -3.10 -14.84 4.05
CA SER B 10 -1.82 -14.13 4.02
C SER B 10 -1.59 -13.57 2.62
N PRO B 11 -0.68 -12.64 2.47
CA PRO B 11 -0.13 -12.29 1.13
C PRO B 11 1.12 -13.07 0.75
N TYR B 12 1.54 -14.03 1.57
CA TYR B 12 2.84 -14.67 1.38
C TYR B 12 2.87 -15.55 0.14
N GLY B 13 1.72 -16.02 -0.33
CA GLY B 13 1.71 -16.81 -1.56
C GLY B 13 1.99 -16.02 -2.82
N PHE B 14 2.02 -14.70 -2.75
CA PHE B 14 2.29 -13.92 -3.95
C PHE B 14 3.78 -13.88 -4.30
N SER B 15 4.67 -14.10 -3.32
CA SER B 15 6.12 -14.06 -3.50
C SER B 15 6.67 -15.49 -3.47
N GLN B 16 7.44 -15.85 -4.49
CA GLN B 16 7.98 -17.21 -4.55
C GLN B 16 8.75 -17.57 -3.28
N GLN B 17 9.65 -16.68 -2.84
CA GLN B 17 10.45 -16.94 -1.66
C GLN B 17 9.59 -16.94 -0.40
N GLN B 18 8.67 -15.97 -0.29
CA GLN B 18 7.80 -15.92 0.88
C GLN B 18 6.93 -17.16 0.96
N LYS B 19 6.37 -17.59 -0.17
CA LYS B 19 5.52 -18.77 -0.20
C LYS B 19 6.25 -19.99 0.33
N THR B 20 7.52 -20.15 -0.09
CA THR B 20 8.35 -21.32 0.21
C THR B 20 8.91 -21.27 1.63
N LEU B 21 9.29 -20.07 2.12
CA LEU B 21 9.98 -19.99 3.40
C LEU B 21 9.11 -19.51 4.56
N LEU B 22 8.15 -18.61 4.33
CA LEU B 22 7.44 -18.02 5.47
C LEU B 22 6.21 -18.82 5.85
N LEU B 23 5.49 -19.38 4.87
CA LEU B 23 4.25 -20.08 5.19
C LEU B 23 4.47 -21.38 5.97
N PRO B 24 5.33 -22.30 5.55
CA PRO B 24 5.41 -23.61 6.26
C PRO B 24 5.68 -23.47 7.75
N PRO B 25 6.59 -22.58 8.20
CA PRO B 25 6.76 -22.42 9.66
C PRO B 25 5.49 -22.00 10.38
N ILE B 26 4.67 -21.15 9.74
CA ILE B 26 3.43 -20.77 10.39
C ILE B 26 2.45 -21.94 10.40
N VAL B 27 2.33 -22.63 9.25
CA VAL B 27 1.46 -23.81 9.18
C VAL B 27 1.81 -24.79 10.29
N ARG B 28 3.11 -25.07 10.45
CA ARG B 28 3.55 -26.00 11.50
C ARG B 28 3.18 -25.50 12.89
N ALA B 29 3.37 -24.21 13.16
CA ALA B 29 3.06 -23.69 14.50
C ALA B 29 1.58 -23.91 14.82
N LEU B 30 0.71 -23.77 13.82
CA LEU B 30 -0.71 -24.01 13.99
C LEU B 30 -1.03 -25.50 14.09
N GLU B 31 -0.43 -26.32 13.22
CA GLU B 31 -0.69 -27.75 13.27
C GLU B 31 -0.23 -28.37 14.59
N ALA B 32 0.80 -27.80 15.20
CA ALA B 32 1.30 -28.29 16.49
C ALA B 32 0.27 -28.15 17.60
N LEU B 33 -0.77 -27.34 17.40
CA LEU B 33 -1.89 -27.22 18.34
C LEU B 33 -3.01 -28.20 18.03
N GLY B 34 -2.85 -29.06 17.03
CA GLY B 34 -3.91 -29.96 16.60
C GLY B 34 -4.83 -29.38 15.56
N ILE B 35 -4.50 -28.21 15.02
CA ILE B 35 -5.36 -27.48 14.09
C ILE B 35 -5.20 -28.05 12.67
N GLU B 36 -6.31 -28.15 11.95
CA GLU B 36 -6.27 -28.40 10.52
C GLU B 36 -6.18 -27.04 9.80
N VAL B 37 -5.09 -26.83 9.05
CA VAL B 37 -4.79 -25.53 8.45
C VAL B 37 -5.24 -25.54 6.99
N TRP B 38 -6.09 -24.58 6.64
CA TRP B 38 -6.48 -24.34 5.25
C TRP B 38 -5.68 -23.14 4.75
N GLU B 39 -4.70 -23.42 3.90
CA GLU B 39 -3.86 -22.36 3.36
C GLU B 39 -4.28 -22.13 1.92
N PRO B 40 -4.92 -21.00 1.60
CA PRO B 40 -5.66 -20.92 0.33
C PRO B 40 -4.80 -20.99 -0.91
N PHE B 41 -3.55 -20.51 -0.89
CA PHE B 41 -2.75 -20.54 -2.12
C PHE B 41 -2.51 -21.97 -2.58
N ALA B 42 -2.17 -22.85 -1.63
CA ALA B 42 -1.98 -24.25 -1.99
C ALA B 42 -3.31 -24.96 -2.21
N ARG B 43 -4.29 -24.75 -1.33
CA ARG B 43 -5.57 -25.45 -1.46
C ARG B 43 -6.18 -25.21 -2.83
N ASN B 44 -6.36 -23.95 -3.19
CA ASN B 44 -7.10 -23.57 -4.37
C ASN B 44 -6.19 -23.19 -5.53
N ASN B 45 -4.88 -23.44 -5.38
CA ASN B 45 -3.93 -23.47 -6.48
C ASN B 45 -3.80 -22.12 -7.19
N GLN B 46 -3.63 -21.04 -6.41
CA GLN B 46 -3.27 -19.75 -7.00
C GLN B 46 -1.75 -19.63 -6.90
N ILE B 47 -1.04 -20.00 -7.96
CA ILE B 47 0.41 -20.09 -7.93
C ILE B 47 1.09 -19.10 -8.87
N ASP B 48 0.33 -18.37 -9.69
CA ASP B 48 0.86 -17.27 -10.49
C ASP B 48 -0.29 -16.33 -10.80
N PHE B 49 0.03 -15.24 -11.52
CA PHE B 49 -0.98 -14.35 -12.06
C PHE B 49 -2.11 -15.17 -12.70
N SER B 50 -3.28 -15.19 -12.05
CA SER B 50 -4.35 -16.09 -12.45
C SER B 50 -4.86 -15.73 -13.84
N GLN B 51 -4.93 -16.75 -14.71
CA GLN B 51 -5.58 -16.59 -16.00
C GLN B 51 -7.02 -16.15 -15.83
N ALA B 52 -7.49 -15.33 -16.78
CA ALA B 52 -8.84 -14.76 -16.71
C ALA B 52 -9.88 -15.86 -16.53
N ASP B 53 -9.77 -16.94 -17.28
CA ASP B 53 -10.66 -18.09 -17.20
C ASP B 53 -10.83 -18.66 -15.79
N TRP B 54 -9.91 -18.31 -14.87
CA TRP B 54 -9.81 -18.99 -13.59
C TRP B 54 -10.00 -18.10 -12.36
N ALA B 55 -10.02 -16.77 -12.51
CA ALA B 55 -9.98 -15.91 -11.34
C ALA B 55 -11.29 -15.98 -10.57
N TYR B 56 -12.40 -16.12 -11.27
CA TYR B 56 -13.68 -16.22 -10.56
C TYR B 56 -13.72 -17.48 -9.70
N ARG B 57 -13.24 -18.61 -10.24
CA ARG B 57 -13.24 -19.85 -9.47
C ARG B 57 -12.29 -19.79 -8.28
N VAL B 58 -11.17 -19.09 -8.41
CA VAL B 58 -10.30 -18.91 -7.24
C VAL B 58 -11.03 -18.11 -6.17
N ALA B 59 -11.72 -17.04 -6.57
CA ALA B 59 -12.42 -16.19 -5.62
C ALA B 59 -13.48 -16.99 -4.87
N GLN B 60 -14.30 -17.75 -5.59
CA GLN B 60 -15.37 -18.50 -4.93
C GLN B 60 -14.81 -19.61 -4.04
N ALA B 61 -13.72 -20.26 -4.46
CA ALA B 61 -13.14 -21.29 -3.60
C ALA B 61 -12.61 -20.69 -2.30
N ASP B 62 -11.82 -19.61 -2.37
CA ASP B 62 -11.37 -18.96 -1.14
C ASP B 62 -12.57 -18.52 -0.30
N LEU B 63 -13.56 -17.89 -0.94
CA LEU B 63 -14.78 -17.47 -0.22
C LEU B 63 -15.43 -18.64 0.50
N GLN B 64 -15.58 -19.78 -0.19
CA GLN B 64 -16.22 -20.93 0.44
C GLN B 64 -15.40 -21.45 1.61
N ASP B 65 -14.06 -21.43 1.48
CA ASP B 65 -13.21 -21.86 2.59
C ASP B 65 -13.43 -21.00 3.82
N VAL B 66 -13.54 -19.69 3.64
CA VAL B 66 -13.81 -18.81 4.78
C VAL B 66 -15.16 -19.16 5.40
N LYS B 67 -16.16 -19.43 4.56
CA LYS B 67 -17.48 -19.80 5.05
C LYS B 67 -17.44 -21.08 5.88
N ASN B 68 -16.61 -22.05 5.48
CA ASN B 68 -16.55 -23.37 6.10
C ASN B 68 -15.49 -23.51 7.18
N CYS B 69 -14.63 -22.52 7.37
CA CYS B 69 -13.64 -22.65 8.44
C CYS B 69 -14.32 -22.44 9.79
N ASP B 70 -13.57 -22.75 10.86
CA ASP B 70 -13.97 -22.41 12.23
C ASP B 70 -13.38 -21.09 12.69
N GLY B 71 -12.16 -20.78 12.25
CA GLY B 71 -11.55 -19.50 12.58
C GLY B 71 -10.63 -19.08 11.46
N ILE B 72 -10.31 -17.79 11.46
CA ILE B 72 -9.35 -17.23 10.52
C ILE B 72 -8.12 -16.80 11.31
N PHE B 73 -6.94 -17.16 10.80
CA PHE B 73 -5.66 -16.65 11.28
C PHE B 73 -5.13 -15.74 10.17
N ALA B 74 -5.21 -14.42 10.38
CA ALA B 74 -4.97 -13.43 9.33
C ALA B 74 -3.57 -12.84 9.46
N VAL B 75 -2.70 -13.12 8.48
CA VAL B 75 -1.41 -12.45 8.44
C VAL B 75 -1.64 -11.02 7.97
N VAL B 76 -1.50 -10.04 8.88
CA VAL B 76 -1.81 -8.67 8.52
C VAL B 76 -0.53 -7.82 8.54
N ASN B 77 0.59 -8.42 8.09
CA ASN B 77 1.81 -7.68 7.80
C ASN B 77 1.60 -6.80 6.57
N GLY B 78 2.50 -5.84 6.38
CA GLY B 78 2.49 -4.94 5.26
C GLY B 78 1.95 -3.56 5.63
N THR B 79 2.32 -2.58 4.83
CA THR B 79 1.78 -1.23 4.94
C THR B 79 1.09 -0.93 3.62
N PRO B 80 -0.24 -1.04 3.54
CA PRO B 80 -1.16 -1.49 4.58
C PRO B 80 -1.33 -3.00 4.49
N PRO B 81 -2.05 -3.62 5.43
CA PRO B 81 -2.36 -5.05 5.28
C PRO B 81 -2.96 -5.39 3.92
N ASP B 82 -2.82 -6.63 3.48
CA ASP B 82 -3.21 -7.00 2.12
C ASP B 82 -4.72 -6.87 1.92
N GLU B 83 -5.15 -6.39 0.74
CA GLU B 83 -6.57 -6.14 0.55
C GLU B 83 -7.37 -7.44 0.44
N GLY B 84 -6.77 -8.50 -0.10
CA GLY B 84 -7.45 -9.78 -0.12
C GLY B 84 -7.65 -10.35 1.28
N VAL B 85 -6.60 -10.30 2.10
CA VAL B 85 -6.73 -10.73 3.49
C VAL B 85 -7.83 -9.93 4.19
N MET B 86 -7.91 -8.63 3.89
CA MET B 86 -8.85 -7.77 4.60
C MET B 86 -10.27 -8.14 4.23
N VAL B 87 -10.51 -8.43 2.94
CA VAL B 87 -11.82 -8.92 2.52
C VAL B 87 -12.16 -10.21 3.24
N GLU B 88 -11.20 -11.15 3.27
CA GLU B 88 -11.43 -12.44 3.93
C GLU B 88 -11.65 -12.24 5.44
N LEU B 89 -10.99 -11.24 6.03
CA LEU B 89 -11.21 -10.98 7.45
C LEU B 89 -12.59 -10.37 7.71
N GLY B 90 -13.03 -9.46 6.83
CA GLY B 90 -14.37 -8.89 7.02
C GLY B 90 -15.45 -9.96 6.94
N MET B 91 -15.37 -10.81 5.92
CA MET B 91 -16.23 -11.99 5.84
C MET B 91 -16.23 -12.78 7.13
N ALA B 92 -15.04 -13.05 7.68
CA ALA B 92 -14.97 -13.89 8.88
C ALA B 92 -15.62 -13.20 10.07
N ILE B 93 -15.44 -11.89 10.19
CA ILE B 93 -16.12 -11.13 11.24
C ILE B 93 -17.64 -11.29 11.09
N ALA B 94 -18.16 -11.03 9.89
CA ALA B 94 -19.61 -11.05 9.68
C ALA B 94 -20.19 -12.42 9.95
N LEU B 95 -19.46 -13.49 9.62
CA LEU B 95 -19.92 -14.86 9.77
C LEU B 95 -19.69 -15.43 11.17
N ASN B 96 -19.26 -14.61 12.12
CA ASN B 96 -19.01 -15.04 13.50
C ASN B 96 -18.01 -16.18 13.59
N LYS B 97 -17.00 -16.16 12.75
CA LYS B 97 -15.90 -17.09 12.94
C LYS B 97 -14.99 -16.58 14.05
N ALA B 98 -14.19 -17.48 14.61
CA ALA B 98 -13.14 -17.03 15.51
C ALA B 98 -12.13 -16.18 14.73
N ILE B 99 -11.59 -15.13 15.37
CA ILE B 99 -10.68 -14.18 14.72
C ILE B 99 -9.35 -14.15 15.47
N PHE B 100 -8.26 -14.37 14.75
CA PHE B 100 -6.91 -14.17 15.29
C PHE B 100 -6.07 -13.43 14.26
N LEU B 101 -5.30 -12.46 14.72
CA LEU B 101 -4.49 -11.62 13.84
C LEU B 101 -3.01 -11.85 14.11
N PHE B 102 -2.20 -11.81 13.05
CA PHE B 102 -0.76 -12.02 13.15
C PHE B 102 -0.02 -10.86 12.47
N ARG B 103 0.84 -10.17 13.23
CA ARG B 103 1.63 -9.07 12.66
C ARG B 103 2.98 -9.05 13.39
N ASP B 104 4.03 -9.54 12.73
CA ASP B 104 5.38 -9.40 13.29
C ASP B 104 6.16 -8.28 12.60
N ASP B 105 5.47 -7.41 11.90
CA ASP B 105 6.02 -6.24 11.25
C ASP B 105 5.93 -5.08 12.25
N PHE B 106 7.05 -4.44 12.55
CA PHE B 106 7.02 -3.44 13.63
C PHE B 106 6.61 -2.06 13.15
N ARG B 107 6.50 -1.84 11.84
CA ARG B 107 5.98 -0.57 11.37
C ARG B 107 4.54 -0.40 11.82
N ARG B 108 4.11 0.84 12.00
CA ARG B 108 2.72 1.11 12.29
C ARG B 108 2.04 1.74 11.09
N CYS B 109 0.82 1.28 10.81
CA CYS B 109 0.00 1.80 9.73
C CYS B 109 -1.40 1.84 10.35
N SER B 110 -1.69 2.94 11.05
CA SER B 110 -2.91 3.02 11.86
C SER B 110 -3.56 4.38 11.67
N ASP B 111 -4.86 4.41 11.96
CA ASP B 111 -5.64 5.65 11.94
C ASP B 111 -6.06 6.08 13.34
N ASN B 112 -5.48 5.50 14.39
CA ASN B 112 -5.86 5.76 15.77
C ASN B 112 -4.68 5.48 16.67
N GLU B 113 -4.83 5.79 17.96
CA GLU B 113 -3.78 5.52 18.93
C GLU B 113 -4.08 4.32 19.81
N ARG B 114 -5.31 3.80 19.82
CA ARG B 114 -5.58 2.64 20.67
C ARG B 114 -5.02 1.36 20.06
N TYR B 115 -5.08 1.24 18.73
CA TYR B 115 -4.73 0.02 18.02
C TYR B 115 -3.55 0.26 17.08
N PRO B 116 -2.70 -0.74 16.87
CA PRO B 116 -1.56 -0.56 15.94
C PRO B 116 -1.94 -0.57 14.46
N LEU B 117 -3.17 -0.87 14.11
CA LEU B 117 -3.57 -0.86 12.73
C LEU B 117 -4.90 -0.18 12.57
N ASN B 118 -5.47 -0.22 11.37
CA ASN B 118 -6.75 0.39 11.12
C ASN B 118 -7.74 -0.25 12.04
N LEU B 119 -8.53 0.58 12.63
CA LEU B 119 -9.45 0.20 13.67
C LEU B 119 -10.49 -0.87 13.31
N MET B 120 -10.91 -0.93 12.06
CA MET B 120 -11.83 -1.93 11.64
C MET B 120 -11.29 -3.36 11.77
N LEU B 121 -9.99 -3.55 11.63
CA LEU B 121 -9.44 -4.88 11.78
C LEU B 121 -9.75 -5.52 13.12
N PHE B 122 -10.04 -4.71 14.13
CA PHE B 122 -10.31 -5.19 15.48
C PHE B 122 -11.78 -5.13 15.82
N ALA B 123 -12.64 -4.86 14.82
CA ALA B 123 -14.06 -4.69 15.08
C ALA B 123 -14.74 -5.99 15.54
N GLY B 124 -14.16 -7.15 15.22
CA GLY B 124 -14.68 -8.42 15.68
C GLY B 124 -14.04 -8.93 16.97
N LEU B 125 -13.21 -8.13 17.60
CA LEU B 125 -12.50 -8.50 18.82
C LEU B 125 -13.05 -7.71 20.00
N PRO B 126 -12.94 -8.23 21.22
CA PRO B 126 -13.54 -7.54 22.37
C PRO B 126 -12.87 -6.20 22.61
N GLU B 127 -13.60 -5.31 23.29
CA GLU B 127 -13.02 -4.00 23.59
C GLU B 127 -11.81 -4.13 24.51
N ILE B 128 -11.89 -5.01 25.50
CA ILE B 128 -10.81 -5.24 26.46
C ILE B 128 -10.27 -6.63 26.22
N GLY B 129 -8.94 -6.76 26.15
CA GLY B 129 -8.31 -8.04 25.93
C GLY B 129 -8.12 -8.42 24.48
N TRP B 130 -8.24 -7.46 23.54
CA TRP B 130 -8.03 -7.78 22.14
C TRP B 130 -6.59 -8.19 21.88
N GLU B 131 -5.66 -7.68 22.70
CA GLU B 131 -4.24 -8.03 22.55
C GLU B 131 -4.02 -9.54 22.65
N ASN B 132 -4.91 -10.25 23.32
CA ASN B 132 -4.82 -11.68 23.43
C ASN B 132 -5.00 -12.41 22.10
N TYR B 133 -5.62 -11.76 21.11
CA TYR B 133 -5.90 -12.34 19.81
C TYR B 133 -4.92 -11.87 18.75
N TYR B 134 -3.97 -11.02 19.16
CA TYR B 134 -3.04 -10.32 18.30
C TYR B 134 -1.64 -10.91 18.56
N TYR B 135 -1.12 -11.65 17.60
CA TYR B 135 0.16 -12.33 17.75
C TYR B 135 1.25 -11.55 17.04
N THR B 136 2.40 -11.37 17.70
CA THR B 136 3.48 -10.58 17.09
C THR B 136 4.73 -11.40 16.80
N SER B 137 4.68 -12.72 16.96
CA SER B 137 5.79 -13.58 16.54
C SER B 137 5.25 -14.98 16.32
N VAL B 138 5.85 -15.71 15.38
CA VAL B 138 5.50 -17.12 15.21
C VAL B 138 5.68 -17.87 16.53
N ASP B 139 6.74 -17.55 17.27
CA ASP B 139 6.99 -18.25 18.53
C ASP B 139 5.86 -18.06 19.53
N GLU B 140 5.09 -16.98 19.41
CA GLU B 140 4.03 -16.67 20.35
C GLU B 140 2.75 -17.46 20.07
N ILE B 141 2.65 -18.05 18.90
CA ILE B 141 1.48 -18.81 18.52
C ILE B 141 1.17 -19.91 19.52
N GLN B 142 2.20 -20.55 20.02
CA GLN B 142 2.08 -21.63 20.98
C GLN B 142 1.61 -21.26 22.38
N SER B 143 1.73 -20.00 22.76
CA SER B 143 1.35 -19.54 24.10
C SER B 143 0.06 -20.08 24.70
N HIS B 144 0.18 -20.93 25.70
CA HIS B 144 -1.01 -21.47 26.35
C HIS B 144 -1.82 -20.35 27.01
N ASP B 145 -1.31 -19.10 27.04
CA ASP B 145 -1.98 -17.95 27.64
C ASP B 145 -2.68 -17.04 26.63
N LYS B 146 -2.54 -17.29 25.33
CA LYS B 146 -3.15 -16.41 24.34
C LYS B 146 -4.43 -17.06 23.80
N ALA B 147 -5.16 -16.29 22.99
CA ALA B 147 -6.57 -16.63 22.75
C ALA B 147 -6.73 -17.87 21.89
N LEU B 148 -5.81 -18.10 20.95
CA LEU B 148 -5.92 -19.26 20.05
C LEU B 148 -5.90 -20.56 20.85
N TYR B 149 -4.91 -20.71 21.73
CA TYR B 149 -4.84 -21.91 22.56
C TYR B 149 -6.08 -22.04 23.44
N LYS B 150 -6.54 -20.93 24.02
CA LYS B 150 -7.71 -20.99 24.89
C LYS B 150 -8.96 -21.34 24.10
N TRP B 151 -9.07 -20.84 22.88
CA TRP B 151 -10.18 -21.22 22.02
C TRP B 151 -10.16 -22.72 21.71
N LEU B 152 -8.97 -23.29 21.48
CA LEU B 152 -8.87 -24.72 21.19
C LEU B 152 -9.25 -25.56 22.39
N THR B 153 -8.68 -25.24 23.55
CA THR B 153 -8.89 -26.04 24.75
C THR B 153 -10.15 -25.66 25.51
N GLY B 154 -10.69 -24.45 25.28
CA GLY B 154 -11.97 -24.06 25.86
C GLY B 154 -13.14 -24.86 25.32
N MET C 1 -38.55 3.86 -8.05
CA MET C 1 -37.23 3.84 -7.41
C MET C 1 -37.42 3.85 -5.90
N LYS C 2 -36.63 3.05 -5.20
CA LYS C 2 -36.74 2.95 -3.75
C LYS C 2 -35.59 3.67 -3.07
N ARG C 3 -35.85 4.11 -1.84
CA ARG C 3 -34.91 4.88 -1.03
C ARG C 3 -34.01 3.93 -0.25
N LYS C 4 -33.09 3.28 -0.96
CA LYS C 4 -32.21 2.33 -0.31
C LYS C 4 -31.05 3.04 0.39
N ILE C 5 -30.51 2.36 1.40
CA ILE C 5 -29.43 2.89 2.22
C ILE C 5 -28.11 2.39 1.65
N ILE C 6 -27.22 3.31 1.32
CA ILE C 6 -25.89 3.00 0.81
C ILE C 6 -24.88 3.39 1.87
N TYR C 7 -24.05 2.43 2.30
CA TYR C 7 -22.86 2.73 3.10
C TYR C 7 -21.72 3.13 2.18
N LEU C 8 -21.23 4.36 2.32
CA LEU C 8 -20.22 4.91 1.42
C LEU C 8 -18.87 4.74 2.10
N ALA C 9 -18.21 3.62 1.84
CA ALA C 9 -16.92 3.37 2.46
C ALA C 9 -15.80 3.98 1.63
N SER C 10 -14.87 4.68 2.27
CA SER C 10 -13.84 5.37 1.49
C SER C 10 -12.65 5.67 2.39
N PRO C 11 -11.47 5.91 1.80
CA PRO C 11 -10.37 6.50 2.59
C PRO C 11 -10.35 8.01 2.57
N TYR C 12 -11.35 8.66 2.00
CA TYR C 12 -11.24 10.09 1.73
C TYR C 12 -11.35 10.96 2.99
N GLY C 13 -11.90 10.42 4.09
CA GLY C 13 -11.93 11.20 5.33
C GLY C 13 -10.59 11.33 6.02
N PHE C 14 -9.56 10.61 5.56
CA PHE C 14 -8.25 10.66 6.22
C PHE C 14 -7.46 11.90 5.82
N SER C 15 -7.71 12.47 4.64
CA SER C 15 -7.02 13.66 4.18
C SER C 15 -7.96 14.85 4.31
N GLN C 16 -7.44 15.96 4.85
CA GLN C 16 -8.28 17.15 4.98
C GLN C 16 -8.83 17.59 3.64
N GLN C 17 -7.96 17.71 2.64
CA GLN C 17 -8.40 18.21 1.35
C GLN C 17 -9.35 17.24 0.66
N GLN C 18 -9.15 15.93 0.82
CA GLN C 18 -10.04 14.97 0.18
C GLN C 18 -11.39 14.91 0.89
N LYS C 19 -11.40 14.95 2.22
CA LYS C 19 -12.65 14.95 2.97
C LYS C 19 -13.53 16.11 2.55
N THR C 20 -12.92 17.25 2.25
CA THR C 20 -13.61 18.48 1.90
C THR C 20 -14.06 18.49 0.44
N LEU C 21 -13.22 17.99 -0.47
CA LEU C 21 -13.43 18.20 -1.90
C LEU C 21 -13.92 16.97 -2.64
N LEU C 22 -13.56 15.77 -2.19
CA LEU C 22 -13.84 14.57 -2.97
C LEU C 22 -15.09 13.86 -2.48
N LEU C 23 -15.29 13.81 -1.17
CA LEU C 23 -16.47 13.11 -0.65
C LEU C 23 -17.77 13.79 -1.04
N PRO C 24 -17.93 15.11 -0.91
CA PRO C 24 -19.26 15.71 -1.12
C PRO C 24 -19.80 15.47 -2.53
N PRO C 25 -18.99 15.58 -3.59
CA PRO C 25 -19.54 15.26 -4.92
C PRO C 25 -19.98 13.82 -5.05
N ILE C 26 -19.33 12.89 -4.36
CA ILE C 26 -19.77 11.51 -4.42
C ILE C 26 -21.07 11.34 -3.63
N VAL C 27 -21.15 11.93 -2.43
CA VAL C 27 -22.40 11.91 -1.68
C VAL C 27 -23.51 12.53 -2.53
N ARG C 28 -23.26 13.70 -3.11
CA ARG C 28 -24.30 14.34 -3.91
C ARG C 28 -24.71 13.48 -5.09
N ALA C 29 -23.75 12.78 -5.72
CA ALA C 29 -24.11 11.91 -6.83
C ALA C 29 -25.05 10.80 -6.36
N LEU C 30 -24.79 10.23 -5.18
CA LEU C 30 -25.67 9.15 -4.72
C LEU C 30 -27.04 9.71 -4.30
N GLU C 31 -27.04 10.88 -3.67
CA GLU C 31 -28.29 11.51 -3.26
C GLU C 31 -29.11 11.99 -4.46
N ALA C 32 -28.45 12.35 -5.58
CA ALA C 32 -29.21 12.63 -6.81
C ALA C 32 -29.99 11.40 -7.31
N LEU C 33 -29.64 10.21 -6.86
CA LEU C 33 -30.41 9.01 -7.20
C LEU C 33 -31.52 8.72 -6.19
N GLY C 34 -31.68 9.55 -5.16
CA GLY C 34 -32.68 9.26 -4.15
C GLY C 34 -32.24 8.27 -3.09
N ILE C 35 -30.93 8.06 -2.95
CA ILE C 35 -30.36 7.13 -1.98
C ILE C 35 -30.18 7.83 -0.65
N GLU C 36 -30.35 7.10 0.45
CA GLU C 36 -29.96 7.59 1.77
C GLU C 36 -28.50 7.21 2.01
N VAL C 37 -27.60 8.19 2.01
CA VAL C 37 -26.16 7.95 2.09
C VAL C 37 -25.72 7.96 3.55
N TRP C 38 -25.11 6.86 3.99
CA TRP C 38 -24.44 6.79 5.29
C TRP C 38 -22.94 6.89 5.06
N GLU C 39 -22.36 8.05 5.38
CA GLU C 39 -20.95 8.34 5.15
C GLU C 39 -20.24 8.29 6.50
N PRO C 40 -19.41 7.26 6.76
CA PRO C 40 -19.02 6.98 8.16
C PRO C 40 -18.21 8.08 8.82
N PHE C 41 -17.38 8.81 8.06
CA PHE C 41 -16.54 9.83 8.68
C PHE C 41 -17.41 10.93 9.29
N ALA C 42 -18.33 11.48 8.52
CA ALA C 42 -19.26 12.47 9.07
C ALA C 42 -20.19 11.83 10.09
N ARG C 43 -20.76 10.68 9.73
CA ARG C 43 -21.89 10.16 10.49
C ARG C 43 -21.47 9.57 11.83
N ASN C 44 -20.27 8.98 11.91
CA ASN C 44 -19.78 8.43 13.17
C ASN C 44 -18.63 9.24 13.73
N ASN C 45 -18.34 10.41 13.12
CA ASN C 45 -17.42 11.41 13.65
C ASN C 45 -16.03 10.83 13.92
N GLN C 46 -15.35 10.47 12.82
CA GLN C 46 -13.91 10.17 12.83
C GLN C 46 -13.22 11.31 12.07
N ILE C 47 -12.62 12.23 12.83
CA ILE C 47 -12.10 13.46 12.24
C ILE C 47 -10.58 13.60 12.33
N ASP C 48 -9.90 12.88 13.24
CA ASP C 48 -8.44 12.89 13.29
C ASP C 48 -7.97 11.57 13.92
N PHE C 49 -6.66 11.43 14.11
CA PHE C 49 -6.03 10.26 14.73
C PHE C 49 -6.75 9.97 16.03
N SER C 50 -7.74 9.10 15.92
CA SER C 50 -8.69 8.84 16.98
C SER C 50 -8.17 8.49 18.36
N GLN C 51 -8.78 9.14 19.35
CA GLN C 51 -8.43 8.96 20.74
C GLN C 51 -8.71 7.53 21.12
N ALA C 52 -7.90 7.01 22.02
CA ALA C 52 -7.91 5.58 22.29
C ALA C 52 -9.27 5.11 22.83
N ASP C 53 -9.83 5.83 23.80
CA ASP C 53 -11.11 5.41 24.40
C ASP C 53 -12.31 5.66 23.48
N TRP C 54 -12.12 6.31 22.33
CA TRP C 54 -13.16 6.48 21.33
C TRP C 54 -13.07 5.49 20.18
N ALA C 55 -11.89 4.89 19.96
CA ALA C 55 -11.67 4.08 18.76
C ALA C 55 -12.61 2.86 18.71
N TYR C 56 -12.85 2.21 19.86
CA TYR C 56 -13.70 1.02 19.83
C TYR C 56 -15.14 1.35 19.47
N ARG C 57 -15.63 2.54 19.87
CA ARG C 57 -16.99 2.91 19.55
C ARG C 57 -17.14 3.24 18.06
N VAL C 58 -16.11 3.88 17.48
CA VAL C 58 -16.11 4.16 16.04
C VAL C 58 -16.19 2.86 15.25
N ALA C 59 -15.35 1.88 15.60
CA ALA C 59 -15.38 0.60 14.91
C ALA C 59 -16.76 -0.05 15.01
N GLN C 60 -17.35 -0.05 16.20
CA GLN C 60 -18.64 -0.72 16.40
C GLN C 60 -19.77 0.03 15.66
N ALA C 61 -19.68 1.35 15.60
CA ALA C 61 -20.68 2.14 14.88
C ALA C 61 -20.60 1.89 13.37
N ASP C 62 -19.39 1.89 12.80
CA ASP C 62 -19.25 1.56 11.37
C ASP C 62 -19.66 0.12 11.09
N LEU C 63 -19.36 -0.82 11.98
CA LEU C 63 -19.81 -2.19 11.81
C LEU C 63 -21.33 -2.28 11.81
N GLN C 64 -21.98 -1.62 12.77
CA GLN C 64 -23.44 -1.65 12.83
C GLN C 64 -24.04 -1.03 11.55
N ASP C 65 -23.46 0.08 11.07
CA ASP C 65 -23.94 0.70 9.84
C ASP C 65 -23.86 -0.26 8.66
N VAL C 66 -22.75 -1.01 8.56
CA VAL C 66 -22.66 -2.00 7.50
C VAL C 66 -23.70 -3.10 7.71
N LYS C 67 -23.98 -3.45 8.96
CA LYS C 67 -24.99 -4.48 9.22
C LYS C 67 -26.38 -4.02 8.81
N ASN C 68 -26.70 -2.75 9.01
CA ASN C 68 -28.06 -2.26 8.80
C ASN C 68 -28.27 -1.60 7.42
N CYS C 69 -27.24 -1.54 6.57
CA CYS C 69 -27.42 -0.90 5.29
C CYS C 69 -28.05 -1.87 4.29
N ASP C 70 -28.42 -1.34 3.12
CA ASP C 70 -28.88 -2.17 2.01
C ASP C 70 -27.75 -2.54 1.06
N GLY C 71 -26.80 -1.64 0.83
CA GLY C 71 -25.67 -1.94 -0.02
C GLY C 71 -24.48 -1.09 0.37
N ILE C 72 -23.31 -1.49 -0.09
CA ILE C 72 -22.09 -0.71 0.11
C ILE C 72 -21.65 -0.13 -1.22
N PHE C 73 -21.26 1.13 -1.21
CA PHE C 73 -20.61 1.78 -2.34
C PHE C 73 -19.16 2.00 -1.90
N ALA C 74 -18.25 1.12 -2.35
CA ALA C 74 -16.87 1.10 -1.87
C ALA C 74 -15.95 1.91 -2.78
N VAL C 75 -15.38 2.97 -2.25
CA VAL C 75 -14.31 3.68 -2.95
C VAL C 75 -13.04 2.83 -2.85
N VAL C 76 -12.63 2.21 -3.95
CA VAL C 76 -11.49 1.31 -3.91
C VAL C 76 -10.33 1.88 -4.72
N ASN C 77 -10.20 3.21 -4.69
CA ASN C 77 -9.01 3.89 -5.20
C ASN C 77 -7.79 3.54 -4.36
N GLY C 78 -6.62 3.63 -4.98
CA GLY C 78 -5.36 3.45 -4.29
C GLY C 78 -4.68 2.15 -4.68
N THR C 79 -3.41 2.08 -4.31
CA THR C 79 -2.59 0.88 -4.47
C THR C 79 -2.04 0.53 -3.09
N PRO C 80 -2.63 -0.42 -2.39
CA PRO C 80 -3.83 -1.17 -2.74
C PRO C 80 -5.05 -0.39 -2.30
N PRO C 81 -6.28 -0.88 -2.50
CA PRO C 81 -7.44 -0.25 -1.85
C PRO C 81 -7.28 -0.27 -0.33
N ASP C 82 -7.96 0.67 0.33
CA ASP C 82 -7.82 0.86 1.78
C ASP C 82 -8.26 -0.35 2.59
N GLU C 83 -7.47 -0.70 3.61
CA GLU C 83 -7.76 -1.92 4.36
C GLU C 83 -9.08 -1.82 5.12
N GLY C 84 -9.44 -0.62 5.59
CA GLY C 84 -10.70 -0.47 6.29
C GLY C 84 -11.90 -0.66 5.36
N VAL C 85 -11.85 -0.05 4.17
CA VAL C 85 -12.87 -0.30 3.14
C VAL C 85 -12.95 -1.79 2.84
N MET C 86 -11.78 -2.44 2.77
CA MET C 86 -11.73 -3.86 2.42
C MET C 86 -12.39 -4.71 3.50
N VAL C 87 -12.10 -4.42 4.78
CA VAL C 87 -12.84 -5.12 5.84
C VAL C 87 -14.34 -4.88 5.69
N GLU C 88 -14.74 -3.61 5.55
CA GLU C 88 -16.16 -3.28 5.46
C GLU C 88 -16.79 -3.95 4.22
N LEU C 89 -16.01 -4.09 3.14
CA LEU C 89 -16.51 -4.77 1.93
C LEU C 89 -16.67 -6.28 2.15
N GLY C 90 -15.72 -6.90 2.85
CA GLY C 90 -15.88 -8.32 3.19
C GLY C 90 -17.10 -8.59 4.06
N MET C 91 -17.35 -7.74 5.06
CA MET C 91 -18.60 -7.84 5.82
C MET C 91 -19.82 -7.80 4.90
N ALA C 92 -19.85 -6.82 3.99
CA ALA C 92 -21.02 -6.63 3.14
C ALA C 92 -21.26 -7.84 2.27
N ILE C 93 -20.18 -8.43 1.74
CA ILE C 93 -20.31 -9.62 0.92
C ILE C 93 -20.94 -10.74 1.73
N ALA C 94 -20.44 -10.97 2.94
CA ALA C 94 -20.94 -12.07 3.76
C ALA C 94 -22.31 -11.79 4.35
N LEU C 95 -22.69 -10.53 4.53
CA LEU C 95 -23.96 -10.15 5.10
C LEU C 95 -25.04 -10.06 4.04
N ASN C 96 -24.78 -10.54 2.82
CA ASN C 96 -25.75 -10.58 1.74
C ASN C 96 -26.09 -9.18 1.20
N LYS C 97 -25.22 -8.19 1.40
CA LYS C 97 -25.52 -6.82 1.00
C LYS C 97 -25.29 -6.63 -0.49
N ALA C 98 -25.99 -5.66 -1.08
CA ALA C 98 -25.65 -5.25 -2.45
C ALA C 98 -24.25 -4.66 -2.46
N ILE C 99 -23.51 -4.90 -3.55
CA ILE C 99 -22.10 -4.56 -3.66
C ILE C 99 -21.90 -3.65 -4.87
N PHE C 100 -21.36 -2.43 -4.64
CA PHE C 100 -21.00 -1.53 -5.73
C PHE C 100 -19.59 -0.98 -5.52
N LEU C 101 -18.75 -1.04 -6.55
CA LEU C 101 -17.35 -0.66 -6.45
C LEU C 101 -17.10 0.58 -7.31
N PHE C 102 -16.28 1.49 -6.83
CA PHE C 102 -15.84 2.44 -7.83
C PHE C 102 -14.39 2.86 -7.62
N ARG C 103 -13.77 3.18 -8.75
CA ARG C 103 -12.36 3.46 -8.87
C ARG C 103 -12.16 4.32 -10.09
N ASP C 104 -11.76 5.59 -9.91
CA ASP C 104 -11.36 6.40 -11.05
C ASP C 104 -9.84 6.54 -11.13
N ASP C 105 -9.11 5.64 -10.44
CA ASP C 105 -7.66 5.56 -10.46
C ASP C 105 -7.26 4.63 -11.60
N PHE C 106 -6.48 5.14 -12.58
CA PHE C 106 -6.21 4.32 -13.75
C PHE C 106 -5.06 3.33 -13.54
N ARG C 107 -4.42 3.33 -12.37
CA ARG C 107 -3.40 2.33 -12.09
C ARG C 107 -4.02 0.96 -11.82
N ARG C 108 -3.21 -0.08 -12.03
CA ARG C 108 -3.58 -1.48 -11.81
C ARG C 108 -2.89 -1.99 -10.55
N CYS C 109 -3.62 -2.68 -9.71
CA CYS C 109 -3.10 -3.36 -8.53
C CYS C 109 -3.85 -4.68 -8.45
N SER C 110 -3.33 -5.69 -9.13
CA SER C 110 -4.10 -6.90 -9.40
C SER C 110 -3.22 -8.13 -9.24
N ASP C 111 -3.90 -9.27 -9.03
CA ASP C 111 -3.28 -10.58 -8.98
C ASP C 111 -3.81 -11.50 -10.07
N ASN C 112 -4.44 -10.94 -11.11
CA ASN C 112 -5.12 -11.74 -12.14
C ASN C 112 -5.39 -10.87 -13.37
N GLU C 113 -5.52 -11.49 -14.54
CA GLU C 113 -5.77 -10.65 -15.72
C GLU C 113 -7.23 -10.33 -15.93
N ARG C 114 -8.15 -10.97 -15.20
CA ARG C 114 -9.56 -10.69 -15.46
C ARG C 114 -10.03 -9.36 -14.87
N TYR C 115 -9.63 -9.04 -13.63
CA TYR C 115 -10.09 -7.90 -12.86
C TYR C 115 -8.95 -6.91 -12.68
N PRO C 116 -9.24 -5.60 -12.63
CA PRO C 116 -8.17 -4.61 -12.42
C PRO C 116 -7.65 -4.56 -10.99
N LEU C 117 -8.25 -5.31 -10.08
CA LEU C 117 -7.82 -5.36 -8.68
C LEU C 117 -7.79 -6.81 -8.22
N ASN C 118 -7.35 -7.00 -6.98
CA ASN C 118 -7.34 -8.31 -6.34
C ASN C 118 -8.71 -8.99 -6.49
N LEU C 119 -8.70 -10.22 -7.00
CA LEU C 119 -9.94 -10.87 -7.44
C LEU C 119 -10.96 -11.04 -6.31
N MET C 120 -10.52 -11.05 -5.06
CA MET C 120 -11.43 -11.20 -3.92
C MET C 120 -12.40 -10.04 -3.80
N LEU C 121 -12.03 -8.86 -4.28
CA LEU C 121 -12.93 -7.71 -4.24
C LEU C 121 -14.21 -7.97 -5.04
N PHE C 122 -14.12 -8.81 -6.08
CA PHE C 122 -15.21 -9.01 -7.04
C PHE C 122 -15.99 -10.30 -6.74
N ALA C 123 -15.71 -10.94 -5.60
CA ALA C 123 -16.29 -12.23 -5.27
C ALA C 123 -17.82 -12.14 -5.11
N GLY C 124 -18.31 -11.13 -4.39
CA GLY C 124 -19.76 -10.94 -4.25
C GLY C 124 -20.45 -10.42 -5.48
N LEU C 125 -19.72 -10.23 -6.59
CA LEU C 125 -20.30 -9.85 -7.87
C LEU C 125 -20.47 -11.09 -8.74
N PRO C 126 -21.34 -11.05 -9.75
CA PRO C 126 -21.49 -12.21 -10.64
C PRO C 126 -20.27 -12.36 -11.54
N GLU C 127 -20.13 -13.58 -12.09
CA GLU C 127 -19.04 -13.84 -13.02
C GLU C 127 -19.16 -13.00 -14.29
N ILE C 128 -20.35 -12.97 -14.92
CA ILE C 128 -20.62 -12.17 -16.11
C ILE C 128 -21.31 -10.89 -15.70
N GLY C 129 -20.80 -9.76 -16.15
CA GLY C 129 -21.48 -8.50 -15.89
C GLY C 129 -21.07 -7.83 -14.59
N TRP C 130 -19.92 -8.20 -14.03
CA TRP C 130 -19.41 -7.49 -12.87
C TRP C 130 -19.12 -6.03 -13.22
N GLU C 131 -18.79 -5.75 -14.48
CA GLU C 131 -18.51 -4.39 -14.93
C GLU C 131 -19.65 -3.43 -14.59
N ASN C 132 -20.89 -3.95 -14.49
CA ASN C 132 -22.07 -3.15 -14.11
C ASN C 132 -21.94 -2.45 -12.77
N TYR C 133 -21.25 -3.07 -11.82
CA TYR C 133 -21.15 -2.62 -10.43
C TYR C 133 -19.90 -1.80 -10.18
N TYR C 134 -19.16 -1.54 -11.26
CA TYR C 134 -17.84 -0.93 -11.24
C TYR C 134 -17.93 0.43 -11.94
N TYR C 135 -17.82 1.46 -11.16
CA TYR C 135 -17.93 2.78 -11.67
C TYR C 135 -16.56 3.37 -11.73
N THR C 136 -16.18 3.85 -12.89
CA THR C 136 -14.88 4.43 -13.10
C THR C 136 -14.84 5.93 -13.18
N SER C 137 -15.98 6.56 -12.93
CA SER C 137 -16.06 8.00 -12.92
C SER C 137 -17.29 8.41 -12.17
N VAL C 138 -17.39 9.66 -11.90
CA VAL C 138 -18.53 10.13 -11.13
C VAL C 138 -19.74 10.44 -12.02
N ASP C 139 -19.53 10.94 -13.25
CA ASP C 139 -20.61 11.05 -14.22
C ASP C 139 -21.29 9.72 -14.48
N GLU C 140 -20.64 8.61 -14.14
CA GLU C 140 -21.19 7.30 -14.42
C GLU C 140 -22.08 6.78 -13.29
N ILE C 141 -21.99 7.38 -12.09
CA ILE C 141 -22.86 6.94 -11.00
C ILE C 141 -24.32 7.17 -11.39
N GLN C 142 -24.56 8.20 -12.18
CA GLN C 142 -25.87 8.61 -12.71
C GLN C 142 -26.56 7.52 -13.53
N SER C 143 -25.78 6.66 -14.21
CA SER C 143 -26.26 5.96 -15.41
C SER C 143 -27.34 4.94 -15.09
N HIS C 144 -28.46 5.02 -15.81
CA HIS C 144 -29.57 4.10 -15.58
C HIS C 144 -29.32 2.70 -16.13
N ASP C 145 -28.22 2.44 -16.77
CA ASP C 145 -27.94 1.06 -17.16
C ASP C 145 -26.64 0.56 -16.56
N LYS C 146 -26.40 0.93 -15.31
CA LYS C 146 -25.35 0.32 -14.50
C LYS C 146 -26.02 -0.53 -13.40
N ALA C 147 -25.42 -0.70 -12.23
CA ALA C 147 -25.99 -1.56 -11.21
C ALA C 147 -26.83 -0.80 -10.19
N LEU C 148 -26.32 0.33 -9.68
CA LEU C 148 -27.05 1.11 -8.68
C LEU C 148 -28.46 1.43 -9.15
N TYR C 149 -28.57 2.05 -10.31
CA TYR C 149 -29.87 2.45 -10.82
C TYR C 149 -30.82 1.27 -10.84
N LYS C 150 -30.41 0.20 -11.52
CA LYS C 150 -31.26 -0.98 -11.67
C LYS C 150 -31.64 -1.58 -10.33
N TRP C 151 -30.72 -1.60 -9.37
CA TRP C 151 -31.02 -2.13 -8.05
C TRP C 151 -32.03 -1.27 -7.32
N LEU C 152 -31.98 0.04 -7.53
CA LEU C 152 -32.93 0.97 -6.90
C LEU C 152 -34.36 0.68 -7.33
N THR C 153 -34.55 0.07 -8.51
CA THR C 153 -35.87 -0.39 -8.93
C THR C 153 -36.11 -1.86 -8.60
N GLY C 154 -35.35 -2.77 -9.19
CA GLY C 154 -35.49 -4.19 -8.91
C GLY C 154 -34.25 -4.84 -8.31
N LYS D 4 12.03 30.92 -9.42
CA LYS D 4 12.23 29.69 -8.64
C LYS D 4 11.26 28.56 -9.06
N ILE D 5 11.78 27.36 -9.31
CA ILE D 5 11.01 26.27 -9.90
C ILE D 5 10.79 25.17 -8.87
N ILE D 6 9.53 24.81 -8.65
CA ILE D 6 9.14 23.71 -7.76
C ILE D 6 8.56 22.59 -8.61
N TYR D 7 9.15 21.41 -8.50
CA TYR D 7 8.57 20.19 -9.07
C TYR D 7 7.53 19.64 -8.11
N LEU D 8 6.31 19.44 -8.60
CA LEU D 8 5.17 19.11 -7.74
C LEU D 8 4.88 17.62 -7.91
N ALA D 9 5.50 16.81 -7.06
CA ALA D 9 5.35 15.37 -7.18
C ALA D 9 4.17 14.93 -6.33
N SER D 10 3.23 14.22 -6.94
CA SER D 10 2.03 13.78 -6.27
C SER D 10 1.51 12.52 -6.92
N PRO D 11 0.69 11.73 -6.28
CA PRO D 11 -0.09 10.69 -6.95
C PRO D 11 -1.43 11.14 -7.50
N TYR D 12 -1.72 12.44 -7.43
CA TYR D 12 -3.07 12.93 -7.68
C TYR D 12 -3.46 12.86 -9.15
N GLY D 13 -2.50 12.83 -10.06
CA GLY D 13 -2.84 12.66 -11.47
C GLY D 13 -3.41 11.30 -11.82
N PHE D 14 -3.40 10.34 -10.90
CA PHE D 14 -3.88 9.00 -11.23
C PHE D 14 -5.40 8.86 -11.11
N SER D 15 -6.05 9.65 -10.26
CA SER D 15 -7.50 9.64 -10.09
C SER D 15 -8.10 10.85 -10.81
N GLN D 16 -9.12 10.59 -11.63
CA GLN D 16 -9.72 11.68 -12.41
C GLN D 16 -10.24 12.80 -11.49
N GLN D 17 -10.93 12.42 -10.42
CA GLN D 17 -11.45 13.42 -9.49
C GLN D 17 -10.31 14.16 -8.79
N GLN D 18 -9.25 13.44 -8.41
CA GLN D 18 -8.14 14.07 -7.72
C GLN D 18 -7.37 15.02 -8.64
N LYS D 19 -7.14 14.62 -9.88
CA LYS D 19 -6.46 15.48 -10.84
C LYS D 19 -7.22 16.80 -11.01
N THR D 20 -8.56 16.72 -11.04
CA THR D 20 -9.42 17.88 -11.30
C THR D 20 -9.57 18.79 -10.08
N LEU D 21 -9.72 18.20 -8.89
CA LEU D 21 -10.10 18.99 -7.73
C LEU D 21 -8.96 19.26 -6.76
N LEU D 22 -7.98 18.36 -6.65
CA LEU D 22 -7.00 18.52 -5.58
C LEU D 22 -5.77 19.28 -6.02
N LEU D 23 -5.31 19.04 -7.25
CA LEU D 23 -4.05 19.66 -7.70
C LEU D 23 -4.17 21.15 -7.91
N PRO D 24 -5.18 21.69 -8.59
CA PRO D 24 -5.21 23.13 -8.90
C PRO D 24 -5.10 24.00 -7.65
N PRO D 25 -5.81 23.70 -6.56
CA PRO D 25 -5.62 24.55 -5.36
C PRO D 25 -4.21 24.49 -4.81
N ILE D 26 -3.50 23.37 -5.03
CA ILE D 26 -2.11 23.28 -4.59
C ILE D 26 -1.21 24.08 -5.52
N VAL D 27 -1.40 23.90 -6.83
CA VAL D 27 -0.68 24.69 -7.82
C VAL D 27 -0.85 26.18 -7.55
N ARG D 28 -2.08 26.60 -7.28
CA ARG D 28 -2.34 28.03 -7.12
C ARG D 28 -1.69 28.56 -5.85
N ALA D 29 -1.73 27.79 -4.78
CA ALA D 29 -1.09 28.22 -3.54
C ALA D 29 0.41 28.45 -3.75
N LEU D 30 1.04 27.59 -4.56
CA LEU D 30 2.48 27.71 -4.80
C LEU D 30 2.79 28.88 -5.73
N GLU D 31 2.00 29.05 -6.78
CA GLU D 31 2.16 30.21 -7.65
C GLU D 31 1.95 31.53 -6.90
N ALA D 32 1.01 31.55 -5.95
CA ALA D 32 0.75 32.76 -5.17
C ALA D 32 1.97 33.21 -4.38
N LEU D 33 2.94 32.32 -4.16
CA LEU D 33 4.18 32.66 -3.48
C LEU D 33 5.22 33.22 -4.42
N GLY D 34 4.96 33.19 -5.73
CA GLY D 34 5.94 33.56 -6.72
C GLY D 34 6.56 32.39 -7.44
N ILE D 35 6.17 31.17 -7.10
CA ILE D 35 6.85 29.97 -7.61
C ILE D 35 6.35 29.63 -9.01
N GLU D 36 7.29 29.26 -9.89
CA GLU D 36 6.94 28.59 -11.13
C GLU D 36 6.82 27.09 -10.85
N VAL D 37 5.67 26.51 -11.18
CA VAL D 37 5.31 25.17 -10.76
C VAL D 37 5.38 24.23 -11.96
N TRP D 38 6.15 23.16 -11.82
CA TRP D 38 6.17 22.06 -12.79
C TRP D 38 5.34 20.90 -12.25
N GLU D 39 4.14 20.73 -12.79
CA GLU D 39 3.25 19.64 -12.41
C GLU D 39 3.39 18.54 -13.45
N PRO D 40 4.01 17.39 -13.12
CA PRO D 40 4.42 16.45 -14.17
C PRO D 40 3.28 15.81 -14.95
N PHE D 41 2.10 15.61 -14.33
CA PHE D 41 1.04 14.90 -15.04
C PHE D 41 0.55 15.70 -16.25
N ALA D 42 0.39 17.01 -16.09
CA ALA D 42 0.00 17.88 -17.21
C ALA D 42 1.19 18.26 -18.06
N ARG D 43 2.30 18.58 -17.42
CA ARG D 43 3.48 19.04 -18.13
C ARG D 43 4.00 17.99 -19.11
N ASN D 44 3.92 16.71 -18.73
CA ASN D 44 4.40 15.63 -19.58
C ASN D 44 3.30 14.70 -20.05
N ASN D 45 2.04 15.07 -19.87
CA ASN D 45 0.89 14.38 -20.47
C ASN D 45 0.84 12.90 -20.11
N GLN D 46 0.78 12.60 -18.82
CA GLN D 46 0.45 11.24 -18.37
C GLN D 46 -0.99 11.31 -17.88
N ILE D 47 -1.93 11.07 -18.79
CA ILE D 47 -3.35 11.23 -18.51
C ILE D 47 -4.09 9.89 -18.45
N ASP D 48 -3.46 8.79 -18.84
CA ASP D 48 -4.07 7.47 -18.73
C ASP D 48 -2.99 6.42 -18.55
N PHE D 49 -3.43 5.19 -18.27
CA PHE D 49 -2.55 4.02 -18.22
C PHE D 49 -1.65 4.03 -19.44
N SER D 50 -0.38 4.42 -19.23
CA SER D 50 0.50 4.83 -20.33
C SER D 50 0.70 3.71 -21.34
N GLN D 51 0.60 4.06 -22.62
CA GLN D 51 0.91 3.10 -23.68
C GLN D 51 2.35 2.63 -23.53
N ALA D 52 2.60 1.38 -23.95
CA ALA D 52 3.91 0.78 -23.73
C ALA D 52 5.03 1.55 -24.45
N ASP D 53 4.74 2.18 -25.59
CA ASP D 53 5.78 2.87 -26.34
C ASP D 53 5.98 4.34 -25.92
N TRP D 54 5.15 4.85 -25.00
CA TRP D 54 5.35 6.18 -24.44
C TRP D 54 5.88 6.17 -23.00
N ALA D 55 5.92 5.01 -22.34
CA ALA D 55 6.25 4.98 -20.92
C ALA D 55 7.69 5.43 -20.66
N TYR D 56 8.64 4.99 -21.47
CA TYR D 56 10.02 5.41 -21.26
C TYR D 56 10.17 6.91 -21.44
N ARG D 57 9.51 7.48 -22.45
CA ARG D 57 9.59 8.93 -22.66
C ARG D 57 9.03 9.68 -21.47
N VAL D 58 7.89 9.21 -20.93
CA VAL D 58 7.31 9.85 -19.75
C VAL D 58 8.29 9.79 -18.59
N ALA D 59 8.94 8.65 -18.39
CA ALA D 59 9.90 8.49 -17.30
C ALA D 59 11.08 9.45 -17.45
N GLN D 60 11.66 9.55 -18.64
CA GLN D 60 12.81 10.43 -18.80
C GLN D 60 12.43 11.90 -18.70
N ALA D 61 11.21 12.24 -19.14
CA ALA D 61 10.76 13.63 -19.00
C ALA D 61 10.63 14.01 -17.54
N ASP D 62 9.97 13.17 -16.73
CA ASP D 62 9.87 13.47 -15.31
C ASP D 62 11.23 13.52 -14.66
N LEU D 63 12.13 12.61 -15.05
CA LEU D 63 13.49 12.61 -14.52
C LEU D 63 14.22 13.92 -14.84
N GLN D 64 14.09 14.42 -16.08
CA GLN D 64 14.77 15.66 -16.45
C GLN D 64 14.23 16.84 -15.65
N ASP D 65 12.91 16.87 -15.42
CA ASP D 65 12.33 17.97 -14.63
C ASP D 65 12.86 17.96 -13.21
N VAL D 66 13.04 16.79 -12.61
CA VAL D 66 13.60 16.73 -11.27
C VAL D 66 15.04 17.24 -11.27
N LYS D 67 15.80 16.93 -12.32
CA LYS D 67 17.18 17.40 -12.38
C LYS D 67 17.25 18.91 -12.61
N ASN D 68 16.28 19.49 -13.32
CA ASN D 68 16.30 20.90 -13.69
C ASN D 68 15.47 21.79 -12.77
N CYS D 69 14.72 21.24 -11.83
CA CYS D 69 14.00 22.10 -10.92
C CYS D 69 14.94 22.65 -9.86
N ASP D 70 14.41 23.55 -9.01
CA ASP D 70 15.14 24.08 -7.87
C ASP D 70 14.75 23.45 -6.54
N GLY D 71 13.49 23.02 -6.42
CA GLY D 71 13.02 22.36 -5.23
C GLY D 71 11.91 21.40 -5.62
N ILE D 72 11.69 20.41 -4.78
CA ILE D 72 10.57 19.50 -4.94
C ILE D 72 9.56 19.78 -3.85
N PHE D 73 8.28 19.84 -4.24
CA PHE D 73 7.16 19.83 -3.32
C PHE D 73 6.51 18.46 -3.49
N ALA D 74 6.72 17.58 -2.51
CA ALA D 74 6.35 16.18 -2.64
C ALA D 74 5.10 15.94 -1.82
N VAL D 75 4.01 15.59 -2.51
CA VAL D 75 2.79 15.20 -1.83
C VAL D 75 2.97 13.75 -1.35
N VAL D 76 3.01 13.56 -0.04
CA VAL D 76 3.39 12.26 0.52
C VAL D 76 2.22 11.71 1.34
N ASN D 77 1.00 11.98 0.87
CA ASN D 77 -0.18 11.35 1.43
C ASN D 77 -0.18 9.86 1.06
N GLY D 78 -0.92 9.09 1.83
CA GLY D 78 -1.12 7.69 1.55
C GLY D 78 -0.40 6.78 2.54
N THR D 79 -0.80 5.52 2.51
CA THR D 79 -0.20 4.46 3.31
C THR D 79 0.14 3.34 2.32
N PRO D 80 1.38 3.30 1.83
CA PRO D 80 2.48 4.23 2.08
C PRO D 80 2.45 5.38 1.06
N PRO D 81 3.35 6.35 1.17
CA PRO D 81 3.47 7.35 0.11
C PRO D 81 3.73 6.68 -1.23
N ASP D 82 3.34 7.38 -2.30
CA ASP D 82 3.41 6.83 -3.65
C ASP D 82 4.87 6.51 -4.03
N GLU D 83 5.08 5.34 -4.65
CA GLU D 83 6.45 4.92 -4.97
C GLU D 83 7.11 5.84 -6.00
N GLY D 84 6.33 6.33 -6.97
CA GLY D 84 6.90 7.25 -7.94
C GLY D 84 7.33 8.56 -7.31
N VAL D 85 6.48 9.11 -6.44
CA VAL D 85 6.87 10.28 -5.66
C VAL D 85 8.16 10.00 -4.90
N MET D 86 8.29 8.80 -4.32
CA MET D 86 9.43 8.52 -3.48
C MET D 86 10.72 8.43 -4.30
N VAL D 87 10.66 7.84 -5.49
CA VAL D 87 11.83 7.85 -6.37
C VAL D 87 12.22 9.29 -6.70
N GLU D 88 11.24 10.09 -7.07
CA GLU D 88 11.49 11.51 -7.36
C GLU D 88 12.04 12.22 -6.12
N LEU D 89 11.55 11.88 -4.94
CA LEU D 89 12.08 12.48 -3.72
C LEU D 89 13.54 12.08 -3.49
N GLY D 90 13.89 10.82 -3.74
CA GLY D 90 15.26 10.39 -3.54
C GLY D 90 16.23 11.02 -4.53
N MET D 91 15.81 11.15 -5.78
CA MET D 91 16.57 11.92 -6.76
C MET D 91 16.86 13.34 -6.25
N ALA D 92 15.81 14.04 -5.81
CA ALA D 92 15.95 15.41 -5.35
C ALA D 92 16.92 15.52 -4.18
N ILE D 93 16.81 14.60 -3.21
CA ILE D 93 17.75 14.58 -2.09
C ILE D 93 19.17 14.39 -2.60
N ALA D 94 19.36 13.41 -3.50
CA ALA D 94 20.71 13.12 -3.99
C ALA D 94 21.30 14.27 -4.77
N LEU D 95 20.43 15.10 -5.36
CA LEU D 95 20.84 16.22 -6.20
C LEU D 95 20.87 17.53 -5.43
N ASN D 96 20.77 17.47 -4.10
CA ASN D 96 20.87 18.65 -3.24
C ASN D 96 19.85 19.72 -3.62
N LYS D 97 18.72 19.28 -4.16
CA LYS D 97 17.60 20.17 -4.42
C LYS D 97 16.92 20.53 -3.10
N ALA D 98 16.23 21.65 -3.09
CA ALA D 98 15.41 22.01 -1.92
C ALA D 98 14.27 21.01 -1.78
N ILE D 99 13.91 20.70 -0.52
CA ILE D 99 12.96 19.62 -0.22
C ILE D 99 11.83 20.18 0.62
N PHE D 100 10.59 20.01 0.16
CA PHE D 100 9.41 20.32 0.94
C PHE D 100 8.42 19.17 0.83
N LEU D 101 7.80 18.82 1.95
CA LEU D 101 6.92 17.66 2.05
C LEU D 101 5.52 18.12 2.42
N PHE D 102 4.50 17.45 1.86
CA PHE D 102 3.10 17.80 2.13
C PHE D 102 2.32 16.55 2.49
N ARG D 103 1.67 16.57 3.65
CA ARG D 103 0.89 15.43 4.10
C ARG D 103 -0.25 15.95 4.97
N ASP D 104 -1.47 15.95 4.43
CA ASP D 104 -2.65 16.26 5.23
C ASP D 104 -3.45 15.01 5.59
N ASP D 105 -2.86 13.84 5.37
CA ASP D 105 -3.41 12.56 5.79
C ASP D 105 -3.01 12.33 7.23
N PHE D 106 -4.00 12.17 8.11
CA PHE D 106 -3.68 12.07 9.54
C PHE D 106 -3.26 10.66 9.95
N ARG D 107 -3.25 9.70 9.04
CA ARG D 107 -2.81 8.35 9.39
C ARG D 107 -1.28 8.32 9.46
N ARG D 108 -0.76 7.46 10.33
CA ARG D 108 0.67 7.28 10.43
C ARG D 108 1.10 6.04 9.65
N CYS D 109 2.25 6.14 9.01
CA CYS D 109 2.85 5.03 8.28
C CYS D 109 4.36 5.23 8.40
N SER D 110 4.91 4.68 9.49
CA SER D 110 6.26 5.04 9.92
C SER D 110 6.97 3.83 10.51
N ASP D 111 8.30 3.83 10.39
CA ASP D 111 9.15 2.82 11.00
C ASP D 111 9.92 3.36 12.21
N ASN D 112 9.45 4.45 12.80
CA ASN D 112 10.18 5.13 13.86
C ASN D 112 9.22 6.04 14.60
N GLU D 113 9.60 6.42 15.81
CA GLU D 113 8.77 7.26 16.67
C GLU D 113 9.11 8.74 16.57
N ARG D 114 10.09 9.11 15.74
CA ARG D 114 10.52 10.50 15.63
C ARG D 114 9.82 11.24 14.48
N TYR D 115 9.61 10.56 13.35
CA TYR D 115 9.02 11.19 12.17
C TYR D 115 7.65 10.58 11.86
N PRO D 116 6.76 11.37 11.25
CA PRO D 116 5.45 10.81 10.83
C PRO D 116 5.56 9.71 9.80
N LEU D 117 6.66 9.65 9.04
CA LEU D 117 6.81 8.69 7.97
C LEU D 117 8.15 7.98 8.13
N ASN D 118 8.37 6.99 7.25
CA ASN D 118 9.67 6.33 7.12
C ASN D 118 10.79 7.38 7.18
N LEU D 119 11.77 7.13 8.05
CA LEU D 119 12.79 8.15 8.34
C LEU D 119 13.59 8.55 7.12
N MET D 120 13.58 7.73 6.07
CA MET D 120 14.39 8.02 4.90
C MET D 120 13.86 9.23 4.11
N LEU D 121 12.56 9.54 4.24
CA LEU D 121 11.98 10.67 3.52
C LEU D 121 12.56 12.00 4.01
N PHE D 122 13.06 12.05 5.24
CA PHE D 122 13.58 13.26 5.86
C PHE D 122 15.11 13.35 5.80
N ALA D 123 15.76 12.48 5.01
CA ALA D 123 17.22 12.44 4.97
C ALA D 123 17.81 13.67 4.32
N GLY D 124 17.01 14.42 3.57
CA GLY D 124 17.46 15.65 2.99
C GLY D 124 17.06 16.88 3.76
N LEU D 125 16.41 16.73 4.93
CA LEU D 125 15.93 17.78 5.79
C LEU D 125 16.79 17.86 7.07
N PRO D 126 16.86 19.03 7.71
CA PRO D 126 17.73 19.19 8.88
C PRO D 126 17.30 18.29 10.03
N GLU D 127 18.24 18.04 10.93
CA GLU D 127 17.92 17.24 12.11
C GLU D 127 16.96 17.98 13.04
N ILE D 128 17.03 19.31 13.11
CA ILE D 128 16.30 20.05 14.13
C ILE D 128 14.95 20.57 13.62
N GLY D 129 14.97 21.56 12.75
CA GLY D 129 13.68 22.12 12.36
C GLY D 129 13.11 21.58 11.07
N TRP D 130 13.10 20.25 10.89
CA TRP D 130 12.48 19.66 9.71
C TRP D 130 10.97 19.91 9.66
N GLU D 131 10.33 20.17 10.81
CA GLU D 131 8.90 20.46 10.83
C GLU D 131 8.54 21.70 10.03
N ASN D 132 9.49 22.64 9.88
CA ASN D 132 9.22 23.86 9.13
C ASN D 132 9.12 23.60 7.64
N TYR D 133 9.63 22.46 7.17
CA TYR D 133 9.55 22.05 5.77
C TYR D 133 8.38 21.12 5.49
N TYR D 134 7.63 20.76 6.52
CA TYR D 134 6.58 19.74 6.47
C TYR D 134 5.23 20.43 6.59
N TYR D 135 4.47 20.44 5.50
CA TYR D 135 3.17 21.13 5.43
C TYR D 135 2.03 20.12 5.61
N THR D 136 1.11 20.42 6.53
CA THR D 136 -0.01 19.53 6.83
C THR D 136 -1.36 20.07 6.33
N SER D 137 -1.37 21.18 5.60
CA SER D 137 -2.63 21.73 5.12
C SER D 137 -2.36 22.59 3.90
N VAL D 138 -3.30 22.60 2.96
CA VAL D 138 -3.14 23.45 1.79
C VAL D 138 -3.05 24.92 2.21
N ASP D 139 -3.87 25.32 3.19
CA ASP D 139 -3.82 26.72 3.61
C ASP D 139 -2.53 27.09 4.33
N GLU D 140 -1.71 26.10 4.74
CA GLU D 140 -0.45 26.39 5.39
C GLU D 140 0.66 26.72 4.41
N ILE D 141 0.49 26.39 3.13
CA ILE D 141 1.51 26.66 2.12
C ILE D 141 1.86 28.14 2.08
N GLN D 142 0.87 29.01 2.32
CA GLN D 142 1.09 30.45 2.28
C GLN D 142 1.88 30.98 3.46
N SER D 143 2.07 30.18 4.51
CA SER D 143 2.55 30.69 5.78
C SER D 143 3.92 31.34 5.64
N HIS D 144 4.07 32.51 6.28
CA HIS D 144 5.31 33.27 6.24
C HIS D 144 6.36 32.72 7.22
N ASP D 145 5.94 31.86 8.16
CA ASP D 145 6.84 31.22 9.11
C ASP D 145 7.27 29.84 8.66
N LYS D 146 7.10 29.50 7.39
CA LYS D 146 7.39 28.16 6.90
C LYS D 146 8.43 28.24 5.79
N ALA D 147 9.11 27.12 5.56
CA ALA D 147 10.36 27.11 4.83
C ALA D 147 10.20 27.48 3.35
N LEU D 148 9.02 27.33 2.76
CA LEU D 148 8.86 27.73 1.36
C LEU D 148 9.02 29.24 1.19
N TYR D 149 8.30 30.00 2.02
CA TYR D 149 8.40 31.45 2.00
C TYR D 149 9.83 31.92 2.23
N LYS D 150 10.41 31.48 3.35
CA LYS D 150 11.78 31.87 3.69
C LYS D 150 12.76 31.45 2.60
N TRP D 151 12.48 30.35 1.89
CA TRP D 151 13.34 29.92 0.79
C TRP D 151 13.35 30.96 -0.33
N LEU D 152 12.21 31.61 -0.57
CA LEU D 152 12.09 32.61 -1.60
C LEU D 152 12.54 33.99 -1.14
N THR D 153 12.56 34.22 0.17
CA THR D 153 12.95 35.51 0.73
C THR D 153 14.35 35.42 1.36
#